data_4UWF
#
_entry.id   4UWF
#
_cell.length_a   87.735
_cell.length_b   145.870
_cell.length_c   61.343
_cell.angle_alpha   90.00
_cell.angle_beta   90.00
_cell.angle_gamma   90.00
#
_symmetry.space_group_name_H-M   'P 21 21 2'
#
loop_
_entity.id
_entity.type
_entity.pdbx_description
1 polymer 'PHOSPHATIDYLINOSITOL 3-KINASE CATALYTIC SUBUNIT TYPE 3'
2 non-polymer (8S)-9-[3,5-bis(fluoranyl)phenyl]-2-morpholin-4-yl-8-(trifluoromethyl)-7,8-dihydro-6H-pyrimido[1,2-a]pyrimidin-4-one
3 water water
#
_entity_poly.entity_id   1
_entity_poly.type   'polypeptide(L)'
_entity_poly.pdbx_seq_one_letter_code
;GAMSDHDLKPNAATRDQLNIIVSYPPTKQLTYEEQDLVWKFRYYLTNQEKALTKFLKCVNWDLPQEAKQALELLGKWKPM
DVEDSLELLSSHYTNPTVRRYAVARLRQADDEDLLMYLLQLVQALKYENFDDIKNGLEPTKKDSQSSVSENVSNSGINSA
EIDSSQIITSPLPSVSSPPPASKTKEVPDGENLEQDLCTFLISRACKNSTLANYLYWYVIVECEDQDTQQRDPKTHEMYL
NVMRRFSQALLKGDKSVRVMRSLLAAQQTFVDRLVHLMKAVQRESGNRKKKNERLQALLGDNEKMNLSDVELIPLPLEPQ
VKIRGIIPETATLFKSALMPAQLFFKTEDGGKYPVIFKHGDDLRQDQLILQIISLMDKLLRKENLDLKLTPYKVLATSTK
HGFMQFIQSVPVAEVLDTEGSIQNFFRKYAPSENGPNGISAEVMDTYVKSCAGYCVITYILGVGDRHLDNLLLTKTGKLF
HIDFGYILGRDPKPLPPPMKLNKEMVEGMGGTQSEQYQEFRKQCYTAFLHLRRYSNLILNLFSLMVDANIPDIALEPDKT
VKKVQDKFRLDLSDEEAVHYMQSLIDESVHALFAAVVEQIH
;
_entity_poly.pdbx_strand_id   A
#
# COMPACT_ATOMS: atom_id res chain seq x y z
N LEU A 8 -14.63 10.80 -40.48
CA LEU A 8 -15.05 9.93 -39.39
C LEU A 8 -14.08 8.76 -39.22
N LYS A 9 -13.88 7.98 -40.31
CA LYS A 9 -12.97 6.82 -40.31
C LYS A 9 -11.62 7.20 -40.93
N PRO A 10 -10.51 7.14 -40.14
CA PRO A 10 -9.20 7.50 -40.72
C PRO A 10 -8.59 6.38 -41.57
N ASN A 11 -7.63 6.74 -42.44
CA ASN A 11 -6.94 5.77 -43.30
C ASN A 11 -5.92 4.93 -42.49
N ALA A 12 -5.43 3.83 -43.08
CA ALA A 12 -4.48 2.89 -42.48
C ALA A 12 -3.23 3.54 -41.85
N ALA A 13 -2.70 4.61 -42.50
CA ALA A 13 -1.52 5.34 -42.00
C ALA A 13 -1.87 6.15 -40.74
N THR A 14 -3.03 6.84 -40.74
CA THR A 14 -3.51 7.64 -39.61
C THR A 14 -3.95 6.71 -38.46
N ARG A 15 -4.53 5.55 -38.80
CA ARG A 15 -4.98 4.50 -37.87
C ARG A 15 -3.80 3.96 -37.08
N ASP A 16 -2.65 3.75 -37.77
CA ASP A 16 -1.39 3.27 -37.18
C ASP A 16 -0.79 4.36 -36.31
N GLN A 17 -0.87 5.64 -36.75
CA GLN A 17 -0.37 6.82 -36.03
C GLN A 17 -1.11 7.02 -34.71
N LEU A 18 -2.43 6.78 -34.71
CA LEU A 18 -3.28 6.88 -33.52
C LEU A 18 -2.97 5.78 -32.50
N ASN A 19 -2.57 4.58 -32.99
CA ASN A 19 -2.19 3.44 -32.16
C ASN A 19 -0.89 3.71 -31.38
N ILE A 20 0.06 4.47 -31.99
CA ILE A 20 1.33 4.87 -31.37
C ILE A 20 1.03 5.82 -30.20
N ILE A 21 0.06 6.74 -30.38
CA ILE A 21 -0.40 7.71 -29.38
C ILE A 21 -1.06 6.99 -28.20
N VAL A 22 -1.91 5.97 -28.49
CA VAL A 22 -2.62 5.16 -27.50
C VAL A 22 -1.62 4.30 -26.69
N SER A 23 -0.55 3.80 -27.35
CA SER A 23 0.48 2.97 -26.74
C SER A 23 1.46 3.72 -25.82
N TYR A 24 1.42 5.08 -25.82
CA TYR A 24 2.29 5.93 -25.00
C TYR A 24 2.18 5.61 -23.50
N PRO A 25 3.32 5.63 -22.76
CA PRO A 25 3.24 5.36 -21.30
C PRO A 25 2.50 6.48 -20.54
N PRO A 26 1.97 6.23 -19.31
CA PRO A 26 1.22 7.28 -18.59
C PRO A 26 1.89 8.65 -18.45
N THR A 27 3.23 8.71 -18.33
CA THR A 27 3.97 9.96 -18.19
C THR A 27 4.02 10.78 -19.49
N LYS A 28 4.22 10.10 -20.65
CA LYS A 28 4.32 10.71 -21.98
C LYS A 28 3.16 11.66 -22.28
N GLN A 29 3.49 12.96 -22.40
CA GLN A 29 2.54 14.04 -22.67
C GLN A 29 2.37 14.28 -24.16
N LEU A 30 1.12 14.42 -24.60
CA LEU A 30 0.75 14.67 -26.00
C LEU A 30 1.04 16.11 -26.39
N THR A 31 1.64 16.31 -27.59
CA THR A 31 1.89 17.66 -28.12
C THR A 31 0.56 18.20 -28.67
N TYR A 32 0.44 19.54 -28.82
CA TYR A 32 -0.80 20.18 -29.28
C TYR A 32 -1.28 19.68 -30.65
N GLU A 33 -0.35 19.40 -31.57
CA GLU A 33 -0.66 18.86 -32.91
C GLU A 33 -1.03 17.37 -32.83
N GLU A 34 -0.44 16.65 -31.86
CA GLU A 34 -0.68 15.22 -31.59
C GLU A 34 -2.09 15.04 -31.01
N GLN A 35 -2.49 15.96 -30.09
CA GLN A 35 -3.81 15.92 -29.45
C GLN A 35 -4.91 16.45 -30.38
N ASP A 36 -4.54 17.24 -31.41
CA ASP A 36 -5.45 17.77 -32.43
C ASP A 36 -5.90 16.65 -33.36
N LEU A 37 -5.01 15.65 -33.59
CA LEU A 37 -5.28 14.46 -34.41
C LEU A 37 -6.25 13.53 -33.67
N VAL A 38 -6.06 13.39 -32.34
CA VAL A 38 -6.90 12.57 -31.46
C VAL A 38 -8.31 13.18 -31.40
N TRP A 39 -8.40 14.51 -31.30
CA TRP A 39 -9.65 15.26 -31.26
C TRP A 39 -10.44 15.16 -32.57
N LYS A 40 -9.74 15.14 -33.73
CA LYS A 40 -10.36 15.05 -35.06
C LYS A 40 -11.08 13.72 -35.25
N PHE A 41 -10.48 12.62 -34.77
CA PHE A 41 -11.03 11.27 -34.87
C PHE A 41 -11.51 10.72 -33.53
N ARG A 42 -12.15 11.59 -32.71
CA ARG A 42 -12.68 11.24 -31.39
C ARG A 42 -13.83 10.23 -31.47
N TYR A 43 -14.66 10.29 -32.54
CA TYR A 43 -15.78 9.38 -32.75
C TYR A 43 -15.34 7.98 -33.16
N TYR A 44 -14.17 7.87 -33.83
CA TYR A 44 -13.61 6.58 -34.24
C TYR A 44 -13.01 5.85 -33.04
N LEU A 45 -12.27 6.59 -32.19
CA LEU A 45 -11.57 6.07 -31.00
C LEU A 45 -12.50 5.58 -29.87
N THR A 46 -13.84 5.80 -30.00
CA THR A 46 -14.84 5.35 -29.02
C THR A 46 -14.92 3.82 -28.92
N ASN A 47 -14.55 3.11 -30.01
CA ASN A 47 -14.55 1.65 -30.09
C ASN A 47 -13.40 0.98 -29.32
N GLN A 48 -12.39 1.77 -28.89
CA GLN A 48 -11.24 1.29 -28.12
C GLN A 48 -11.16 1.98 -26.74
N GLU A 49 -11.28 1.17 -25.67
CA GLU A 49 -11.27 1.63 -24.27
C GLU A 49 -9.94 2.26 -23.82
N LYS A 50 -8.81 1.87 -24.45
CA LYS A 50 -7.48 2.40 -24.10
C LYS A 50 -7.24 3.82 -24.62
N ALA A 51 -8.04 4.28 -25.59
CA ALA A 51 -7.93 5.62 -26.19
C ALA A 51 -8.56 6.74 -25.34
N LEU A 52 -9.48 6.39 -24.42
CA LEU A 52 -10.18 7.33 -23.53
C LEU A 52 -9.22 8.18 -22.68
N THR A 53 -8.15 7.55 -22.15
CA THR A 53 -7.09 8.17 -21.35
C THR A 53 -6.38 9.28 -22.17
N LYS A 54 -6.08 8.98 -23.45
CA LYS A 54 -5.41 9.90 -24.38
C LYS A 54 -6.30 11.04 -24.86
N PHE A 55 -7.62 10.77 -25.04
CA PHE A 55 -8.60 11.77 -25.48
C PHE A 55 -8.85 12.86 -24.44
N LEU A 56 -8.95 12.47 -23.16
CA LEU A 56 -9.22 13.39 -22.05
C LEU A 56 -8.00 14.28 -21.71
N LYS A 57 -6.82 13.96 -22.28
CA LYS A 57 -5.59 14.72 -22.13
C LYS A 57 -5.58 15.94 -23.08
N CYS A 58 -6.39 15.87 -24.16
CA CYS A 58 -6.55 16.91 -25.18
C CYS A 58 -7.37 18.09 -24.66
N VAL A 59 -8.43 17.78 -23.91
CA VAL A 59 -9.44 18.68 -23.34
C VAL A 59 -8.88 19.71 -22.36
N ASN A 60 -9.31 20.98 -22.51
CA ASN A 60 -8.99 22.10 -21.62
C ASN A 60 -10.26 22.25 -20.77
N TRP A 61 -10.18 21.83 -19.50
CA TRP A 61 -11.31 21.81 -18.57
C TRP A 61 -11.77 23.21 -18.12
N ASP A 62 -10.93 24.25 -18.33
CA ASP A 62 -11.28 25.64 -18.02
C ASP A 62 -12.21 26.22 -19.11
N LEU A 63 -12.26 25.57 -20.28
CA LEU A 63 -13.11 25.93 -21.42
C LEU A 63 -14.43 25.14 -21.29
N PRO A 64 -15.57 25.80 -20.98
CA PRO A 64 -16.83 25.06 -20.75
C PRO A 64 -17.35 24.17 -21.89
N GLN A 65 -17.25 24.63 -23.16
CA GLN A 65 -17.73 23.84 -24.30
C GLN A 65 -16.83 22.62 -24.58
N GLU A 66 -15.50 22.78 -24.45
CA GLU A 66 -14.52 21.70 -24.64
C GLU A 66 -14.77 20.60 -23.60
N ALA A 67 -15.12 20.99 -22.36
CA ALA A 67 -15.47 20.10 -21.26
C ALA A 67 -16.83 19.43 -21.52
N LYS A 68 -17.77 20.16 -22.14
CA LYS A 68 -19.12 19.68 -22.49
C LYS A 68 -19.04 18.63 -23.60
N GLN A 69 -18.25 18.90 -24.65
CA GLN A 69 -18.04 18.02 -25.80
C GLN A 69 -17.36 16.71 -25.38
N ALA A 70 -16.41 16.80 -24.41
CA ALA A 70 -15.69 15.65 -23.84
C ALA A 70 -16.65 14.74 -23.07
N LEU A 71 -17.60 15.35 -22.32
CA LEU A 71 -18.62 14.69 -21.52
C LEU A 71 -19.62 13.91 -22.39
N GLU A 72 -19.90 14.42 -23.61
CA GLU A 72 -20.79 13.80 -24.59
C GLU A 72 -20.12 12.54 -25.15
N LEU A 73 -18.80 12.63 -25.43
CA LEU A 73 -17.97 11.53 -25.94
C LEU A 73 -17.70 10.51 -24.84
N LEU A 74 -17.63 10.96 -23.57
CA LEU A 74 -17.39 10.15 -22.37
C LEU A 74 -18.51 9.11 -22.15
N GLY A 75 -19.75 9.52 -22.39
CA GLY A 75 -20.93 8.68 -22.24
C GLY A 75 -21.11 7.66 -23.36
N LYS A 76 -20.60 7.99 -24.57
CA LYS A 76 -20.69 7.14 -25.75
C LYS A 76 -19.48 6.19 -25.90
N TRP A 77 -18.36 6.49 -25.20
CA TRP A 77 -17.13 5.70 -25.22
C TRP A 77 -17.32 4.29 -24.66
N LYS A 78 -16.46 3.34 -25.09
CA LYS A 78 -16.46 1.94 -24.66
C LYS A 78 -16.18 1.87 -23.14
N PRO A 79 -16.95 1.07 -22.35
CA PRO A 79 -16.72 1.01 -20.90
C PRO A 79 -15.27 0.70 -20.52
N MET A 80 -14.62 1.69 -19.87
CA MET A 80 -13.22 1.63 -19.42
C MET A 80 -13.00 0.64 -18.28
N ASP A 81 -11.75 0.19 -18.11
CA ASP A 81 -11.35 -0.75 -17.07
C ASP A 81 -11.20 -0.05 -15.72
N VAL A 82 -11.18 -0.83 -14.62
CA VAL A 82 -11.06 -0.34 -13.23
C VAL A 82 -9.70 0.39 -13.04
N GLU A 83 -8.63 -0.09 -13.71
CA GLU A 83 -7.30 0.53 -13.64
C GLU A 83 -7.28 1.93 -14.28
N ASP A 84 -8.06 2.13 -15.35
CA ASP A 84 -8.16 3.41 -16.05
C ASP A 84 -9.07 4.39 -15.31
N SER A 85 -10.01 3.88 -14.47
CA SER A 85 -10.94 4.70 -13.67
C SER A 85 -10.22 5.44 -12.53
N LEU A 86 -9.09 4.88 -12.06
CA LEU A 86 -8.27 5.45 -10.99
C LEU A 86 -7.53 6.71 -11.45
N GLU A 87 -7.24 6.82 -12.77
CA GLU A 87 -6.57 7.95 -13.39
C GLU A 87 -7.49 9.19 -13.41
N LEU A 88 -8.80 8.98 -13.55
CA LEU A 88 -9.80 10.06 -13.59
C LEU A 88 -10.12 10.63 -12.19
N LEU A 89 -9.69 9.95 -11.12
CA LEU A 89 -9.89 10.39 -9.74
C LEU A 89 -8.66 11.12 -9.19
N SER A 90 -7.61 11.27 -10.02
CA SER A 90 -6.35 11.93 -9.66
C SER A 90 -6.48 13.48 -9.72
N SER A 91 -5.36 14.18 -9.43
CA SER A 91 -5.26 15.65 -9.44
C SER A 91 -5.48 16.24 -10.83
N HIS A 92 -5.17 15.47 -11.89
CA HIS A 92 -5.30 15.86 -13.29
C HIS A 92 -6.73 16.09 -13.75
N TYR A 93 -7.71 15.39 -13.15
CA TYR A 93 -9.13 15.53 -13.50
C TYR A 93 -9.98 15.97 -12.31
N THR A 94 -10.30 17.28 -12.27
CA THR A 94 -11.08 17.92 -11.20
C THR A 94 -12.54 18.17 -11.60
N ASN A 95 -12.91 17.89 -12.88
CA ASN A 95 -14.26 18.06 -13.41
C ASN A 95 -15.22 17.08 -12.70
N PRO A 96 -16.32 17.56 -12.09
CA PRO A 96 -17.22 16.66 -11.33
C PRO A 96 -17.84 15.51 -12.13
N THR A 97 -18.33 15.76 -13.36
CA THR A 97 -18.98 14.76 -14.21
C THR A 97 -18.02 13.62 -14.60
N VAL A 98 -16.73 13.94 -14.83
CA VAL A 98 -15.66 12.97 -15.17
C VAL A 98 -15.46 12.01 -13.99
N ARG A 99 -15.45 12.57 -12.77
CA ARG A 99 -15.28 11.85 -11.50
C ARG A 99 -16.47 10.94 -11.19
N ARG A 100 -17.69 11.28 -11.68
CA ARG A 100 -18.91 10.48 -11.49
C ARG A 100 -18.84 9.21 -12.33
N TYR A 101 -18.27 9.32 -13.56
CA TYR A 101 -18.09 8.22 -14.50
C TYR A 101 -17.00 7.26 -14.00
N ALA A 102 -15.99 7.81 -13.29
CA ALA A 102 -14.90 7.03 -12.69
C ALA A 102 -15.44 6.21 -11.52
N VAL A 103 -16.36 6.80 -10.73
CA VAL A 103 -17.03 6.19 -9.58
C VAL A 103 -18.00 5.09 -10.08
N ALA A 104 -18.65 5.35 -11.25
CA ALA A 104 -19.59 4.42 -11.90
C ALA A 104 -18.94 3.10 -12.31
N ARG A 105 -17.63 3.14 -12.68
CA ARG A 105 -16.87 1.95 -13.06
C ARG A 105 -16.35 1.17 -11.85
N LEU A 106 -16.15 1.86 -10.70
CA LEU A 106 -15.72 1.25 -9.44
C LEU A 106 -16.90 0.48 -8.83
N ARG A 107 -18.14 0.91 -9.13
CA ARG A 107 -19.39 0.31 -8.69
C ARG A 107 -19.58 -1.07 -9.31
N GLN A 108 -18.97 -1.30 -10.49
CA GLN A 108 -19.01 -2.58 -11.21
C GLN A 108 -17.99 -3.55 -10.61
N ALA A 109 -16.88 -3.02 -10.06
CA ALA A 109 -15.80 -3.79 -9.44
C ALA A 109 -16.23 -4.35 -8.08
N ASP A 110 -15.64 -5.51 -7.70
CA ASP A 110 -15.94 -6.19 -6.43
C ASP A 110 -15.29 -5.47 -5.24
N ASP A 111 -15.72 -5.82 -4.01
CA ASP A 111 -15.20 -5.27 -2.75
C ASP A 111 -13.73 -5.69 -2.53
N GLU A 112 -13.35 -6.88 -3.04
CA GLU A 112 -12.01 -7.46 -2.98
C GLU A 112 -11.02 -6.53 -3.72
N ASP A 113 -11.39 -6.05 -4.93
CA ASP A 113 -10.58 -5.13 -5.73
C ASP A 113 -10.59 -3.72 -5.13
N LEU A 114 -11.77 -3.27 -4.65
CA LEU A 114 -11.97 -1.95 -4.03
C LEU A 114 -11.12 -1.74 -2.78
N LEU A 115 -10.83 -2.83 -2.04
CA LEU A 115 -10.01 -2.82 -0.83
C LEU A 115 -8.55 -2.51 -1.15
N MET A 116 -8.05 -3.04 -2.29
CA MET A 116 -6.67 -2.85 -2.78
C MET A 116 -6.37 -1.39 -3.15
N TYR A 117 -7.38 -0.65 -3.63
CA TYR A 117 -7.23 0.75 -4.05
C TYR A 117 -7.78 1.77 -3.03
N LEU A 118 -8.40 1.27 -1.94
CA LEU A 118 -9.04 2.07 -0.87
C LEU A 118 -8.12 3.16 -0.27
N LEU A 119 -6.82 2.87 -0.07
CA LEU A 119 -5.85 3.83 0.47
C LEU A 119 -5.67 5.02 -0.47
N GLN A 120 -5.72 4.75 -1.78
CA GLN A 120 -5.60 5.75 -2.85
C GLN A 120 -6.95 6.45 -3.09
N LEU A 121 -8.06 5.73 -2.84
CA LEU A 121 -9.43 6.26 -2.99
C LEU A 121 -9.76 7.32 -1.93
N VAL A 122 -9.18 7.17 -0.71
CA VAL A 122 -9.34 8.13 0.39
C VAL A 122 -8.54 9.41 0.04
N GLN A 123 -7.39 9.24 -0.64
CA GLN A 123 -6.53 10.33 -1.11
C GLN A 123 -7.18 11.12 -2.24
N ALA A 124 -8.03 10.45 -3.05
CA ALA A 124 -8.75 11.06 -4.17
C ALA A 124 -9.84 12.05 -3.73
N LEU A 125 -10.30 11.95 -2.46
CA LEU A 125 -11.32 12.84 -1.86
C LEU A 125 -10.86 14.31 -1.86
N LYS A 126 -9.53 14.55 -1.87
CA LYS A 126 -8.87 15.86 -1.89
C LYS A 126 -9.23 16.67 -3.13
N TYR A 127 -9.51 15.99 -4.26
CA TYR A 127 -9.85 16.60 -5.55
C TYR A 127 -11.36 16.66 -5.81
N GLU A 128 -12.16 16.06 -4.91
CA GLU A 128 -13.63 16.04 -4.99
C GLU A 128 -14.22 17.40 -4.55
N ASN A 129 -15.50 17.65 -4.87
CA ASN A 129 -16.20 18.88 -4.52
C ASN A 129 -16.45 18.93 -3.01
N PHE A 130 -15.76 19.86 -2.31
CA PHE A 130 -15.84 20.03 -0.85
C PHE A 130 -17.22 20.49 -0.37
N ASP A 131 -17.93 21.29 -1.20
CA ASP A 131 -19.27 21.79 -0.89
C ASP A 131 -20.31 20.68 -0.93
N ASP A 132 -20.20 19.75 -1.92
CA ASP A 132 -21.11 18.60 -2.06
C ASP A 132 -20.94 17.64 -0.88
N ILE A 133 -19.71 17.52 -0.35
CA ILE A 133 -19.36 16.69 0.81
C ILE A 133 -19.98 17.28 2.08
N LYS A 134 -19.84 18.61 2.30
CA LYS A 134 -20.38 19.33 3.45
C LYS A 134 -21.92 19.37 3.41
N ASN A 135 -22.52 19.58 2.23
CA ASN A 135 -23.98 19.64 2.04
C ASN A 135 -24.65 18.24 2.01
N GLY A 136 -23.92 17.24 2.49
CA GLY A 136 -24.39 15.86 2.60
C GLY A 136 -24.71 15.48 4.03
N LEU A 137 -24.65 16.47 4.95
CA LEU A 137 -24.93 16.32 6.38
C LEU A 137 -26.37 16.74 6.69
N GLU A 138 -27.09 15.92 7.47
CA GLU A 138 -28.47 16.18 7.86
C GLU A 138 -28.55 17.13 9.06
N ILE A 157 -18.81 26.19 13.24
CA ILE A 157 -17.81 25.88 14.27
C ILE A 157 -16.38 25.81 13.70
N ASN A 158 -15.38 26.06 14.56
CA ASN A 158 -13.96 25.99 14.22
C ASN A 158 -13.57 24.51 14.10
N SER A 159 -12.80 24.17 13.05
CA SER A 159 -12.35 22.80 12.75
C SER A 159 -11.53 22.13 13.87
N ALA A 160 -10.82 22.94 14.68
CA ALA A 160 -10.00 22.48 15.81
C ALA A 160 -10.84 21.94 16.97
N GLU A 161 -12.09 22.45 17.12
CA GLU A 161 -13.04 22.05 18.16
C GLU A 161 -13.56 20.62 17.97
N ILE A 162 -13.49 20.11 16.71
CA ILE A 162 -13.95 18.76 16.34
C ILE A 162 -12.77 17.79 16.34
N ASP A 163 -12.69 16.92 17.37
CA ASP A 163 -11.66 15.90 17.44
C ASP A 163 -12.16 14.68 16.68
N SER A 164 -11.41 14.26 15.63
CA SER A 164 -11.74 13.12 14.77
C SER A 164 -11.99 11.82 15.53
N SER A 165 -11.19 11.59 16.59
CA SER A 165 -11.27 10.43 17.49
C SER A 165 -12.59 10.42 18.28
N GLN A 166 -13.20 11.61 18.47
CA GLN A 166 -14.45 11.79 19.22
C GLN A 166 -15.73 11.77 18.35
N ILE A 167 -15.61 11.69 17.01
CA ILE A 167 -16.76 11.68 16.09
C ILE A 167 -17.57 10.37 16.22
N ILE A 168 -16.92 9.20 16.10
CA ILE A 168 -17.59 7.90 16.18
C ILE A 168 -17.96 7.52 17.63
N THR A 169 -17.17 7.99 18.63
CA THR A 169 -17.39 7.67 20.05
C THR A 169 -18.49 8.55 20.69
N SER A 170 -18.95 9.59 19.97
CA SER A 170 -20.00 10.48 20.46
C SER A 170 -21.25 10.49 19.53
N PRO A 171 -22.11 9.44 19.56
CA PRO A 171 -23.29 9.44 18.71
C PRO A 171 -24.44 10.26 19.29
N LEU A 172 -25.21 10.95 18.41
CA LEU A 172 -26.34 11.78 18.81
C LEU A 172 -27.66 11.01 18.79
N LEU A 193 -23.78 7.24 -12.65
CA LEU A 193 -23.37 8.64 -12.60
C LEU A 193 -24.19 9.46 -11.59
N GLU A 194 -24.76 8.78 -10.57
CA GLU A 194 -25.57 9.41 -9.53
C GLU A 194 -24.79 9.74 -8.25
N GLN A 195 -23.92 8.82 -7.79
CA GLN A 195 -23.12 8.99 -6.56
C GLN A 195 -21.73 9.56 -6.83
N ASP A 196 -21.22 10.39 -5.89
CA ASP A 196 -19.87 10.94 -5.94
C ASP A 196 -18.94 9.99 -5.15
N LEU A 197 -17.64 10.32 -5.05
CA LEU A 197 -16.66 9.47 -4.33
C LEU A 197 -16.98 9.29 -2.85
N CYS A 198 -17.37 10.37 -2.14
CA CYS A 198 -17.71 10.33 -0.71
C CYS A 198 -18.95 9.47 -0.45
N THR A 199 -20.01 9.65 -1.26
CA THR A 199 -21.28 8.91 -1.16
C THR A 199 -21.04 7.43 -1.46
N PHE A 200 -20.24 7.11 -2.50
CA PHE A 200 -19.92 5.74 -2.92
C PHE A 200 -19.13 4.96 -1.87
N LEU A 201 -18.03 5.54 -1.34
CA LEU A 201 -17.17 4.90 -0.35
C LEU A 201 -17.92 4.53 0.92
N ILE A 202 -18.80 5.44 1.40
CA ILE A 202 -19.63 5.23 2.60
C ILE A 202 -20.68 4.14 2.35
N SER A 203 -21.40 4.20 1.20
CA SER A 203 -22.44 3.25 0.79
C SER A 203 -21.92 1.81 0.77
N ARG A 204 -20.73 1.59 0.17
CA ARG A 204 -20.09 0.29 0.07
C ARG A 204 -19.54 -0.19 1.42
N ALA A 205 -19.12 0.76 2.28
CA ALA A 205 -18.60 0.47 3.62
C ALA A 205 -19.71 0.03 4.56
N CYS A 206 -20.93 0.60 4.42
CA CYS A 206 -22.10 0.25 5.23
C CYS A 206 -22.56 -1.21 5.03
N LYS A 207 -22.12 -1.82 3.90
CA LYS A 207 -22.44 -3.21 3.52
C LYS A 207 -21.29 -4.17 3.88
N ASN A 208 -20.03 -3.70 3.83
CA ASN A 208 -18.84 -4.51 4.12
C ASN A 208 -18.09 -4.02 5.37
N SER A 209 -18.01 -4.88 6.41
CA SER A 209 -17.34 -4.59 7.69
C SER A 209 -15.83 -4.37 7.56
N THR A 210 -15.15 -5.16 6.70
CA THR A 210 -13.71 -5.05 6.45
C THR A 210 -13.42 -3.72 5.75
N LEU A 211 -14.23 -3.37 4.73
CA LEU A 211 -14.11 -2.11 3.97
C LEU A 211 -14.38 -0.90 4.88
N ALA A 212 -15.35 -1.03 5.82
CA ALA A 212 -15.72 0.03 6.78
C ALA A 212 -14.59 0.28 7.78
N ASN A 213 -13.89 -0.80 8.21
CA ASN A 213 -12.77 -0.77 9.14
C ASN A 213 -11.61 0.06 8.57
N TYR A 214 -11.18 -0.28 7.34
CA TYR A 214 -10.07 0.40 6.66
C TYR A 214 -10.42 1.82 6.24
N LEU A 215 -11.66 2.08 5.73
CA LEU A 215 -12.12 3.41 5.34
C LEU A 215 -12.08 4.37 6.55
N TYR A 216 -12.48 3.87 7.73
CA TYR A 216 -12.48 4.62 8.98
C TYR A 216 -11.07 5.11 9.34
N TRP A 217 -10.12 4.16 9.50
CA TRP A 217 -8.74 4.44 9.88
C TRP A 217 -7.95 5.22 8.83
N TYR A 218 -8.29 5.08 7.53
CA TYR A 218 -7.62 5.83 6.46
C TYR A 218 -8.05 7.30 6.48
N VAL A 219 -9.32 7.57 6.84
CA VAL A 219 -9.88 8.93 6.95
C VAL A 219 -9.35 9.60 8.23
N ILE A 220 -9.32 8.85 9.36
CA ILE A 220 -8.84 9.29 10.68
C ILE A 220 -7.40 9.86 10.61
N VAL A 221 -6.51 9.17 9.86
CA VAL A 221 -5.11 9.58 9.64
C VAL A 221 -5.06 10.93 8.90
N GLU A 222 -5.91 11.08 7.86
CA GLU A 222 -6.00 12.32 7.06
C GLU A 222 -6.57 13.48 7.87
N CYS A 223 -7.42 13.19 8.87
CA CYS A 223 -8.00 14.17 9.79
C CYS A 223 -6.93 14.65 10.77
N GLU A 224 -6.13 13.71 11.31
CA GLU A 224 -5.05 13.95 12.26
C GLU A 224 -3.79 14.55 11.60
N ASP A 225 -3.76 14.63 10.25
CA ASP A 225 -2.65 15.18 9.47
C ASP A 225 -2.48 16.68 9.76
N GLN A 226 -1.47 17.02 10.58
CA GLN A 226 -1.14 18.39 11.01
C GLN A 226 -0.67 19.27 9.85
N ASP A 227 -0.06 18.67 8.82
CA ASP A 227 0.41 19.35 7.60
C ASP A 227 -0.79 19.83 6.80
N THR A 228 -1.81 18.96 6.60
CA THR A 228 -3.04 19.25 5.88
C THR A 228 -3.88 20.27 6.68
N GLN A 229 -3.87 20.15 8.02
CA GLN A 229 -4.58 21.03 8.96
C GLN A 229 -4.09 22.48 8.90
N GLN A 230 -2.79 22.68 8.63
CA GLN A 230 -2.14 24.00 8.57
C GLN A 230 -2.06 24.59 7.15
N ARG A 231 -1.56 23.81 6.17
CA ARG A 231 -1.37 24.26 4.78
C ARG A 231 -2.67 24.46 4.00
N ASP A 232 -3.71 23.63 4.24
CA ASP A 232 -5.00 23.75 3.57
C ASP A 232 -6.15 23.33 4.51
N PRO A 233 -6.67 24.25 5.35
CA PRO A 233 -7.75 23.89 6.30
C PRO A 233 -9.04 23.37 5.68
N LYS A 234 -9.33 23.74 4.41
CA LYS A 234 -10.52 23.31 3.67
C LYS A 234 -10.50 21.80 3.38
N THR A 235 -9.29 21.23 3.17
CA THR A 235 -9.09 19.80 2.93
C THR A 235 -9.28 19.03 4.24
N HIS A 236 -8.78 19.59 5.37
CA HIS A 236 -8.90 19.04 6.71
C HIS A 236 -10.38 19.01 7.14
N GLU A 237 -11.11 20.11 6.85
CA GLU A 237 -12.54 20.28 7.13
C GLU A 237 -13.37 19.23 6.36
N MET A 238 -12.97 18.95 5.10
CA MET A 238 -13.60 17.98 4.20
C MET A 238 -13.53 16.57 4.81
N TYR A 239 -12.33 16.13 5.22
CA TYR A 239 -12.10 14.81 5.83
C TYR A 239 -12.92 14.63 7.11
N LEU A 240 -13.11 15.72 7.89
CA LEU A 240 -13.92 15.73 9.12
C LEU A 240 -15.38 15.50 8.73
N ASN A 241 -15.86 16.16 7.65
CA ASN A 241 -17.22 16.03 7.12
C ASN A 241 -17.47 14.64 6.54
N VAL A 242 -16.42 14.00 5.96
CA VAL A 242 -16.48 12.64 5.41
C VAL A 242 -16.72 11.67 6.58
N MET A 243 -15.99 11.86 7.69
CA MET A 243 -16.11 11.09 8.93
C MET A 243 -17.48 11.32 9.58
N ARG A 244 -17.93 12.60 9.62
CA ARG A 244 -19.24 12.99 10.17
C ARG A 244 -20.40 12.42 9.35
N ARG A 245 -20.22 12.30 8.02
CA ARG A 245 -21.20 11.71 7.10
C ARG A 245 -21.26 10.19 7.24
N PHE A 246 -20.07 9.55 7.42
CA PHE A 246 -19.91 8.11 7.59
C PHE A 246 -20.57 7.64 8.90
N SER A 247 -20.35 8.41 9.99
CA SER A 247 -20.92 8.15 11.31
C SER A 247 -22.45 8.28 11.25
N GLN A 248 -22.97 9.28 10.50
CA GLN A 248 -24.39 9.54 10.30
C GLN A 248 -25.10 8.43 9.53
N ALA A 249 -24.45 7.89 8.48
CA ALA A 249 -24.99 6.81 7.65
C ALA A 249 -25.01 5.47 8.39
N LEU A 250 -24.05 5.25 9.32
CA LEU A 250 -23.96 4.04 10.14
C LEU A 250 -25.10 3.99 11.16
N LEU A 251 -25.44 5.15 11.74
CA LEU A 251 -26.54 5.28 12.71
C LEU A 251 -27.90 5.11 12.04
N LYS A 252 -28.04 5.57 10.78
CA LYS A 252 -29.25 5.47 9.96
C LYS A 252 -29.54 4.03 9.53
N GLY A 253 -28.49 3.24 9.35
CA GLY A 253 -28.55 1.84 8.92
C GLY A 253 -29.25 0.89 9.87
N ASP A 254 -29.38 -0.37 9.44
CA ASP A 254 -30.04 -1.46 10.19
C ASP A 254 -29.21 -1.96 11.39
N LYS A 255 -29.72 -2.98 12.11
CA LYS A 255 -29.12 -3.59 13.31
C LYS A 255 -27.62 -3.93 13.16
N SER A 256 -27.24 -4.58 12.05
CA SER A 256 -25.85 -4.97 11.77
C SER A 256 -24.98 -3.76 11.41
N VAL A 257 -25.58 -2.72 10.79
CA VAL A 257 -24.90 -1.47 10.41
C VAL A 257 -24.62 -0.63 11.68
N ARG A 258 -25.60 -0.57 12.61
CA ARG A 258 -25.48 0.16 13.88
C ARG A 258 -24.46 -0.51 14.82
N VAL A 259 -24.31 -1.84 14.71
CA VAL A 259 -23.35 -2.64 15.49
C VAL A 259 -21.92 -2.31 15.04
N MET A 260 -21.74 -2.04 13.72
CA MET A 260 -20.46 -1.70 13.12
C MET A 260 -19.84 -0.43 13.72
N ARG A 261 -20.64 0.65 13.91
CA ARG A 261 -20.15 1.91 14.48
C ARG A 261 -19.75 1.78 15.95
N SER A 262 -20.47 0.92 16.72
CA SER A 262 -20.16 0.68 18.13
C SER A 262 -18.86 -0.11 18.26
N LEU A 263 -18.56 -0.99 17.28
CA LEU A 263 -17.32 -1.76 17.22
C LEU A 263 -16.17 -0.84 16.81
N LEU A 264 -16.43 0.12 15.91
CA LEU A 264 -15.45 1.12 15.46
C LEU A 264 -15.11 2.07 16.60
N ALA A 265 -16.12 2.42 17.44
CA ALA A 265 -15.98 3.28 18.62
C ALA A 265 -15.15 2.53 19.67
N ALA A 266 -15.37 1.21 19.79
CA ALA A 266 -14.65 0.32 20.72
C ALA A 266 -13.19 0.17 20.29
N GLN A 267 -12.92 0.22 18.95
CA GLN A 267 -11.58 0.14 18.37
C GLN A 267 -10.80 1.42 18.67
N GLN A 268 -11.46 2.59 18.47
CA GLN A 268 -10.89 3.91 18.71
C GLN A 268 -10.57 4.12 20.19
N THR A 269 -11.48 3.68 21.10
CA THR A 269 -11.29 3.77 22.55
C THR A 269 -10.10 2.88 22.96
N PHE A 270 -10.02 1.66 22.37
CA PHE A 270 -8.92 0.71 22.62
C PHE A 270 -7.59 1.29 22.16
N VAL A 271 -7.58 2.00 21.01
CA VAL A 271 -6.39 2.66 20.45
C VAL A 271 -5.98 3.85 21.33
N ASP A 272 -6.95 4.73 21.69
CA ASP A 272 -6.72 5.90 22.55
C ASP A 272 -6.12 5.53 23.90
N ARG A 273 -6.58 4.40 24.49
CA ARG A 273 -6.08 3.88 25.76
C ARG A 273 -4.68 3.29 25.59
N LEU A 274 -4.41 2.64 24.44
CA LEU A 274 -3.11 2.05 24.09
C LEU A 274 -2.05 3.14 23.88
N VAL A 275 -2.46 4.28 23.29
CA VAL A 275 -1.59 5.46 23.05
C VAL A 275 -1.20 6.08 24.40
N HIS A 276 -2.18 6.19 25.33
CA HIS A 276 -1.98 6.72 26.67
C HIS A 276 -1.02 5.81 27.45
N LEU A 277 -1.11 4.48 27.23
CA LEU A 277 -0.23 3.48 27.82
C LEU A 277 1.18 3.67 27.25
N MET A 278 1.29 3.80 25.91
CA MET A 278 2.56 4.02 25.19
C MET A 278 3.27 5.28 25.66
N LYS A 279 2.52 6.38 25.89
CA LYS A 279 3.06 7.66 26.37
C LYS A 279 3.69 7.49 27.76
N ALA A 280 2.96 6.84 28.69
CA ALA A 280 3.39 6.58 30.07
C ALA A 280 4.64 5.70 30.14
N VAL A 281 4.76 4.71 29.23
CA VAL A 281 5.89 3.78 29.14
C VAL A 281 7.12 4.50 28.58
N GLN A 282 6.94 5.31 27.52
CA GLN A 282 8.01 6.09 26.89
C GLN A 282 8.52 7.22 27.79
N ARG A 283 7.65 7.76 28.66
CA ARG A 283 7.98 8.82 29.63
C ARG A 283 8.61 8.29 30.92
N GLU A 284 8.48 6.97 31.18
CA GLU A 284 9.02 6.30 32.37
C GLU A 284 10.55 6.38 32.42
N SER A 285 11.09 6.91 33.53
CA SER A 285 12.53 7.05 33.75
C SER A 285 13.15 5.72 34.12
N GLY A 286 14.24 5.38 33.43
CA GLY A 286 14.97 4.13 33.64
C GLY A 286 15.35 3.42 32.36
N ASN A 287 15.80 2.16 32.48
CA ASN A 287 16.22 1.33 31.35
C ASN A 287 15.03 0.60 30.69
N ARG A 288 15.30 -0.32 29.75
CA ARG A 288 14.29 -1.11 29.03
C ARG A 288 13.47 -1.99 29.99
N LYS A 289 14.14 -2.61 30.99
CA LYS A 289 13.53 -3.48 32.00
C LYS A 289 12.57 -2.73 32.91
N LYS A 290 12.89 -1.48 33.28
CA LYS A 290 12.03 -0.63 34.11
C LYS A 290 10.80 -0.18 33.32
N LYS A 291 10.98 0.04 32.00
CA LYS A 291 9.92 0.44 31.06
C LYS A 291 8.99 -0.74 30.76
N ASN A 292 9.55 -1.97 30.62
CA ASN A 292 8.80 -3.20 30.36
C ASN A 292 7.88 -3.53 31.53
N GLU A 293 8.39 -3.33 32.77
CA GLU A 293 7.64 -3.57 34.02
C GLU A 293 6.43 -2.65 34.12
N ARG A 294 6.55 -1.40 33.62
CA ARG A 294 5.48 -0.40 33.57
C ARG A 294 4.43 -0.81 32.54
N LEU A 295 4.87 -1.32 31.37
CA LEU A 295 4.01 -1.78 30.28
C LEU A 295 3.17 -2.98 30.70
N GLN A 296 3.80 -4.00 31.33
CA GLN A 296 3.15 -5.22 31.82
C GLN A 296 2.14 -4.95 32.94
N ALA A 297 2.48 -4.03 33.87
CA ALA A 297 1.63 -3.67 35.01
C ALA A 297 0.37 -2.90 34.60
N LEU A 298 0.52 -1.92 33.69
CA LEU A 298 -0.60 -1.10 33.18
C LEU A 298 -1.57 -1.92 32.34
N LEU A 299 -1.05 -2.89 31.56
CA LEU A 299 -1.87 -3.79 30.74
C LEU A 299 -2.69 -4.73 31.61
N GLY A 300 -2.08 -5.25 32.67
CA GLY A 300 -2.69 -6.16 33.64
C GLY A 300 -3.84 -5.52 34.41
N ASP A 301 -3.72 -4.20 34.70
CA ASP A 301 -4.74 -3.43 35.40
C ASP A 301 -5.87 -3.11 34.42
N ASN A 302 -6.83 -4.05 34.28
CA ASN A 302 -7.97 -3.95 33.37
C ASN A 302 -9.00 -2.90 33.82
N GLU A 303 -9.11 -2.64 35.14
CA GLU A 303 -10.06 -1.67 35.67
C GLU A 303 -9.67 -0.22 35.34
N LYS A 304 -8.37 0.04 35.12
CA LYS A 304 -7.82 1.35 34.82
C LYS A 304 -7.58 1.58 33.31
N MET A 305 -7.00 0.59 32.61
CA MET A 305 -6.64 0.71 31.19
C MET A 305 -7.56 0.00 30.20
N ASN A 306 -8.25 -1.09 30.61
CA ASN A 306 -9.16 -1.90 29.78
C ASN A 306 -8.49 -2.34 28.46
N LEU A 307 -7.38 -3.08 28.57
CA LEU A 307 -6.63 -3.56 27.40
C LEU A 307 -6.36 -5.08 27.42
N SER A 308 -6.38 -5.70 28.61
CA SER A 308 -6.16 -7.15 28.77
C SER A 308 -7.46 -7.95 28.59
N ASP A 309 -8.58 -7.41 29.10
CA ASP A 309 -9.89 -8.04 29.00
C ASP A 309 -10.93 -7.09 28.39
N VAL A 310 -11.29 -7.36 27.13
CA VAL A 310 -12.28 -6.61 26.36
C VAL A 310 -13.23 -7.56 25.63
N GLU A 311 -14.43 -7.08 25.27
CA GLU A 311 -15.43 -7.85 24.52
C GLU A 311 -14.88 -8.13 23.11
N LEU A 312 -15.33 -9.22 22.45
CA LEU A 312 -14.84 -9.62 21.13
C LEU A 312 -15.02 -8.50 20.08
N ILE A 313 -13.94 -7.71 19.89
CA ILE A 313 -13.88 -6.57 18.98
C ILE A 313 -12.87 -6.83 17.84
N PRO A 314 -13.13 -6.34 16.60
CA PRO A 314 -12.18 -6.59 15.50
C PRO A 314 -10.89 -5.81 15.67
N LEU A 315 -9.75 -6.45 15.35
CA LEU A 315 -8.43 -5.84 15.40
C LEU A 315 -8.34 -4.78 14.29
N PRO A 316 -7.93 -3.52 14.58
CA PRO A 316 -7.87 -2.51 13.50
C PRO A 316 -6.96 -2.90 12.34
N LEU A 317 -5.87 -3.63 12.62
CA LEU A 317 -4.89 -4.12 11.65
C LEU A 317 -5.50 -5.16 10.69
N GLU A 318 -6.24 -6.15 11.24
CA GLU A 318 -6.91 -7.21 10.49
C GLU A 318 -8.32 -7.40 11.08
N PRO A 319 -9.36 -6.72 10.50
CA PRO A 319 -10.72 -6.82 11.08
C PRO A 319 -11.37 -8.20 11.09
N GLN A 320 -10.87 -9.13 10.25
CA GLN A 320 -11.36 -10.51 10.19
C GLN A 320 -10.99 -11.26 11.47
N VAL A 321 -9.92 -10.81 12.16
CA VAL A 321 -9.41 -11.38 13.41
C VAL A 321 -9.99 -10.57 14.59
N LYS A 322 -10.84 -11.23 15.41
CA LYS A 322 -11.48 -10.62 16.59
C LYS A 322 -10.57 -10.86 17.80
N ILE A 323 -10.40 -9.84 18.66
CA ILE A 323 -9.51 -9.93 19.81
C ILE A 323 -10.20 -9.87 21.18
N ARG A 324 -9.62 -10.56 22.16
CA ARG A 324 -10.04 -10.66 23.56
C ARG A 324 -9.28 -9.64 24.42
N GLY A 325 -8.11 -9.23 23.92
CA GLY A 325 -7.21 -8.28 24.57
C GLY A 325 -5.75 -8.65 24.43
N ILE A 326 -4.85 -7.77 24.93
CA ILE A 326 -3.40 -7.97 24.89
C ILE A 326 -2.95 -8.79 26.11
N ILE A 327 -2.04 -9.76 25.91
CA ILE A 327 -1.48 -10.58 27.00
C ILE A 327 -0.49 -9.67 27.77
N PRO A 328 -0.75 -9.38 29.07
CA PRO A 328 0.15 -8.45 29.80
C PRO A 328 1.56 -8.97 30.07
N GLU A 329 1.69 -10.25 30.45
CA GLU A 329 2.97 -10.87 30.81
C GLU A 329 3.95 -11.08 29.64
N THR A 330 3.48 -11.10 28.38
CA THR A 330 4.34 -11.33 27.22
C THR A 330 4.65 -10.05 26.40
N ALA A 331 4.26 -8.87 26.91
CA ALA A 331 4.48 -7.59 26.22
C ALA A 331 5.77 -6.90 26.66
N THR A 332 6.69 -6.67 25.69
CA THR A 332 7.99 -6.00 25.90
C THR A 332 8.30 -5.01 24.76
N LEU A 333 9.16 -4.03 25.04
CA LEU A 333 9.61 -3.02 24.07
C LEU A 333 10.82 -3.53 23.28
N PHE A 334 10.98 -3.03 22.04
CA PHE A 334 12.13 -3.38 21.20
C PHE A 334 13.35 -2.56 21.62
N LYS A 335 14.56 -3.03 21.25
CA LYS A 335 15.85 -2.41 21.59
C LYS A 335 16.03 -0.98 21.02
N SER A 336 15.24 -0.63 19.99
CA SER A 336 15.24 0.67 19.31
C SER A 336 14.95 1.86 20.24
N ALA A 337 15.53 3.04 19.92
CA ALA A 337 15.36 4.29 20.68
C ALA A 337 13.94 4.86 20.47
N LEU A 338 13.31 4.54 19.32
CA LEU A 338 11.95 4.93 18.93
C LEU A 338 10.91 4.35 19.89
N MET A 339 11.30 3.30 20.64
CA MET A 339 10.54 2.55 21.65
C MET A 339 9.27 1.85 21.08
N PRO A 340 9.40 0.93 20.09
CA PRO A 340 8.19 0.22 19.62
C PRO A 340 7.87 -0.95 20.56
N ALA A 341 6.58 -1.26 20.73
CA ALA A 341 6.16 -2.34 21.64
C ALA A 341 5.68 -3.59 20.91
N GLN A 342 6.13 -4.76 21.36
CA GLN A 342 5.71 -6.05 20.83
C GLN A 342 4.54 -6.52 21.71
N LEU A 343 3.32 -6.54 21.15
CA LEU A 343 2.12 -6.91 21.87
C LEU A 343 1.47 -8.16 21.28
N PHE A 344 1.16 -9.14 22.13
CA PHE A 344 0.53 -10.39 21.73
C PHE A 344 -0.96 -10.33 22.03
N PHE A 345 -1.79 -10.37 20.96
CA PHE A 345 -3.25 -10.31 21.05
C PHE A 345 -3.87 -11.69 21.17
N LYS A 346 -4.81 -11.85 22.13
CA LYS A 346 -5.57 -13.09 22.33
C LYS A 346 -6.69 -13.09 21.30
N THR A 347 -6.65 -14.03 20.34
CA THR A 347 -7.64 -14.09 19.27
C THR A 347 -8.92 -14.82 19.72
N GLU A 348 -9.95 -14.83 18.85
CA GLU A 348 -11.24 -15.50 19.05
C GLU A 348 -11.03 -17.01 19.18
N ASP A 349 -10.10 -17.56 18.36
CA ASP A 349 -9.75 -18.98 18.28
C ASP A 349 -8.73 -19.43 19.36
N GLY A 350 -8.43 -18.55 20.31
CA GLY A 350 -7.49 -18.82 21.39
C GLY A 350 -6.04 -18.85 20.96
N GLY A 351 -5.73 -18.14 19.87
CA GLY A 351 -4.38 -18.03 19.33
C GLY A 351 -3.69 -16.74 19.74
N LYS A 352 -2.48 -16.52 19.19
CA LYS A 352 -1.68 -15.33 19.50
C LYS A 352 -1.35 -14.55 18.24
N TYR A 353 -1.72 -13.25 18.22
CA TYR A 353 -1.46 -12.35 17.10
C TYR A 353 -0.39 -11.31 17.52
N PRO A 354 0.90 -11.53 17.20
CA PRO A 354 1.93 -10.55 17.59
C PRO A 354 1.91 -9.30 16.71
N VAL A 355 1.98 -8.12 17.34
CA VAL A 355 2.00 -6.83 16.64
C VAL A 355 3.12 -5.91 17.12
N ILE A 356 3.53 -4.95 16.28
CA ILE A 356 4.52 -3.93 16.59
C ILE A 356 3.76 -2.60 16.61
N PHE A 357 3.39 -2.13 17.81
CA PHE A 357 2.70 -0.86 17.93
C PHE A 357 3.70 0.25 18.18
N LYS A 358 3.88 1.12 17.18
CA LYS A 358 4.81 2.24 17.22
C LYS A 358 4.10 3.52 17.64
N HIS A 359 4.75 4.34 18.47
CA HIS A 359 4.21 5.62 18.92
C HIS A 359 5.28 6.71 18.77
N GLY A 360 4.91 7.77 18.04
CA GLY A 360 5.79 8.89 17.73
C GLY A 360 6.53 8.75 16.42
N ASP A 361 5.98 7.94 15.49
CA ASP A 361 6.56 7.69 14.16
C ASP A 361 5.48 7.53 13.09
N ASP A 362 5.75 8.06 11.88
CA ASP A 362 4.81 7.99 10.76
C ASP A 362 4.94 6.67 9.99
N LEU A 363 3.89 5.83 10.08
CA LEU A 363 3.83 4.52 9.42
C LEU A 363 3.28 4.60 7.99
N ARG A 364 2.90 5.82 7.54
CA ARG A 364 2.31 6.11 6.24
C ARG A 364 3.14 5.66 5.03
N GLN A 365 4.48 5.83 5.07
CA GLN A 365 5.37 5.41 3.98
C GLN A 365 5.44 3.88 3.89
N ASP A 366 5.51 3.20 5.05
CA ASP A 366 5.54 1.74 5.15
C ASP A 366 4.19 1.14 4.74
N GLN A 367 3.08 1.83 5.11
CA GLN A 367 1.70 1.44 4.81
C GLN A 367 1.45 1.35 3.30
N LEU A 368 1.99 2.33 2.54
CA LEU A 368 1.85 2.37 1.08
C LEU A 368 2.67 1.25 0.42
N ILE A 369 3.96 1.09 0.81
CA ILE A 369 4.85 0.08 0.25
C ILE A 369 4.30 -1.33 0.51
N LEU A 370 3.82 -1.61 1.74
CA LEU A 370 3.25 -2.91 2.09
C LEU A 370 1.93 -3.20 1.37
N GLN A 371 1.11 -2.15 1.11
CA GLN A 371 -0.15 -2.33 0.38
C GLN A 371 0.11 -2.53 -1.13
N ILE A 372 1.25 -2.01 -1.64
CA ILE A 372 1.67 -2.19 -3.02
C ILE A 372 2.23 -3.61 -3.17
N ILE A 373 3.03 -4.10 -2.18
CA ILE A 373 3.59 -5.46 -2.15
C ILE A 373 2.41 -6.47 -2.13
N SER A 374 1.37 -6.17 -1.32
CA SER A 374 0.14 -6.98 -1.22
C SER A 374 -0.59 -7.04 -2.56
N LEU A 375 -0.63 -5.91 -3.29
CA LEU A 375 -1.25 -5.82 -4.61
C LEU A 375 -0.42 -6.63 -5.62
N MET A 376 0.91 -6.41 -5.63
CA MET A 376 1.88 -7.09 -6.49
C MET A 376 1.83 -8.62 -6.30
N ASP A 377 1.69 -9.09 -5.03
CA ASP A 377 1.57 -10.51 -4.68
C ASP A 377 0.27 -11.07 -5.25
N LYS A 378 -0.85 -10.32 -5.11
CA LYS A 378 -2.17 -10.68 -5.62
C LYS A 378 -2.19 -10.73 -7.15
N LEU A 379 -1.44 -9.81 -7.80
CA LEU A 379 -1.32 -9.74 -9.27
C LEU A 379 -0.51 -10.92 -9.79
N LEU A 380 0.55 -11.32 -9.06
CA LEU A 380 1.41 -12.45 -9.41
C LEU A 380 0.68 -13.78 -9.20
N ARG A 381 -0.15 -13.86 -8.14
CA ARG A 381 -0.97 -15.05 -7.83
C ARG A 381 -2.09 -15.20 -8.86
N LYS A 382 -2.60 -14.07 -9.39
CA LYS A 382 -3.63 -14.00 -10.44
C LYS A 382 -3.08 -14.60 -11.74
N GLU A 383 -1.78 -14.39 -12.01
CA GLU A 383 -1.06 -14.89 -13.18
C GLU A 383 -0.42 -16.26 -12.89
N ASN A 384 -0.89 -16.94 -11.81
CA ASN A 384 -0.47 -18.25 -11.31
C ASN A 384 1.04 -18.32 -11.04
N LEU A 385 1.51 -17.47 -10.11
CA LEU A 385 2.91 -17.39 -9.70
C LEU A 385 3.02 -16.91 -8.24
N ASP A 386 3.00 -17.85 -7.29
CA ASP A 386 3.13 -17.53 -5.87
C ASP A 386 4.62 -17.56 -5.53
N LEU A 387 5.20 -16.37 -5.30
CA LEU A 387 6.63 -16.22 -4.99
C LEU A 387 6.91 -16.20 -3.48
N LYS A 388 5.98 -16.74 -2.66
CA LYS A 388 6.07 -16.85 -1.20
C LYS A 388 6.48 -15.52 -0.50
N LEU A 389 5.90 -14.40 -0.96
CA LEU A 389 6.16 -13.07 -0.43
C LEU A 389 5.48 -12.87 0.92
N THR A 390 6.01 -11.96 1.76
CA THR A 390 5.45 -11.67 3.09
C THR A 390 4.90 -10.23 3.14
N PRO A 391 3.67 -9.97 2.64
CA PRO A 391 3.15 -8.59 2.70
C PRO A 391 2.37 -8.36 4.01
N TYR A 392 3.12 -8.32 5.13
CA TYR A 392 2.59 -8.11 6.48
C TYR A 392 1.74 -6.86 6.59
N LYS A 393 0.59 -6.99 7.28
CA LYS A 393 -0.38 -5.90 7.45
C LYS A 393 0.22 -4.73 8.23
N VAL A 394 0.03 -3.50 7.72
CA VAL A 394 0.50 -2.25 8.32
C VAL A 394 -0.68 -1.27 8.31
N LEU A 395 -1.08 -0.79 9.49
CA LEU A 395 -2.18 0.17 9.60
C LEU A 395 -1.85 1.32 10.55
N ALA A 396 -1.82 2.54 10.01
CA ALA A 396 -1.59 3.74 10.78
C ALA A 396 -2.92 4.13 11.44
N THR A 397 -2.89 4.37 12.76
CA THR A 397 -4.07 4.76 13.54
C THR A 397 -4.15 6.28 13.67
N SER A 398 -3.06 6.96 13.26
CA SER A 398 -2.82 8.40 13.23
C SER A 398 -1.50 8.63 12.49
N THR A 399 -1.11 9.90 12.30
CA THR A 399 0.16 10.26 11.65
C THR A 399 1.32 10.01 12.65
N LYS A 400 1.00 9.94 13.96
CA LYS A 400 1.95 9.73 15.04
C LYS A 400 2.09 8.26 15.48
N HIS A 401 0.99 7.48 15.43
CA HIS A 401 1.00 6.08 15.87
C HIS A 401 0.30 5.11 14.90
N GLY A 402 0.69 3.83 14.97
CA GLY A 402 0.14 2.76 14.14
C GLY A 402 0.57 1.36 14.51
N PHE A 403 -0.10 0.35 13.91
CA PHE A 403 0.14 -1.09 14.11
C PHE A 403 0.94 -1.71 12.96
N MET A 404 1.60 -2.85 13.23
CA MET A 404 2.38 -3.63 12.27
C MET A 404 2.29 -5.12 12.59
N GLN A 405 2.01 -5.97 11.59
CA GLN A 405 1.89 -7.42 11.76
C GLN A 405 3.28 -8.04 11.94
N PHE A 406 3.55 -8.56 13.16
CA PHE A 406 4.83 -9.20 13.45
C PHE A 406 4.83 -10.62 12.90
N ILE A 407 5.84 -10.93 12.08
CA ILE A 407 6.04 -12.24 11.46
C ILE A 407 7.22 -12.90 12.19
N GLN A 408 7.02 -14.13 12.70
CA GLN A 408 8.07 -14.87 13.40
C GLN A 408 9.24 -15.18 12.46
N SER A 409 10.25 -14.31 12.52
CA SER A 409 11.44 -14.36 11.66
C SER A 409 12.70 -13.90 12.39
N VAL A 410 13.86 -14.33 11.87
CA VAL A 410 15.18 -13.99 12.40
C VAL A 410 15.90 -13.15 11.33
N PRO A 411 16.40 -11.92 11.65
CA PRO A 411 17.11 -11.13 10.63
C PRO A 411 18.40 -11.80 10.17
N VAL A 412 18.76 -11.64 8.88
CA VAL A 412 19.94 -12.24 8.23
C VAL A 412 21.25 -11.87 9.00
N ALA A 413 21.29 -10.68 9.63
CA ALA A 413 22.42 -10.22 10.45
C ALA A 413 22.59 -11.15 11.67
N GLU A 414 21.47 -11.52 12.32
CA GLU A 414 21.44 -12.42 13.47
C GLU A 414 21.72 -13.87 13.03
N VAL A 415 21.30 -14.23 11.81
CA VAL A 415 21.50 -15.54 11.18
C VAL A 415 23.01 -15.79 10.99
N LEU A 416 23.74 -14.76 10.52
CA LEU A 416 25.19 -14.80 10.31
C LEU A 416 25.97 -14.81 11.62
N ASP A 417 25.48 -14.05 12.63
CA ASP A 417 26.11 -13.95 13.94
C ASP A 417 25.97 -15.22 14.78
N THR A 418 24.97 -16.07 14.48
CA THR A 418 24.71 -17.30 15.22
C THR A 418 25.06 -18.58 14.44
N GLU A 419 24.60 -18.70 13.18
CA GLU A 419 24.81 -19.88 12.35
C GLU A 419 25.97 -19.77 11.35
N GLY A 420 26.33 -18.56 10.96
CA GLY A 420 27.41 -18.30 10.02
C GLY A 420 26.94 -17.95 8.63
N SER A 421 25.97 -18.72 8.10
CA SER A 421 25.38 -18.52 6.77
C SER A 421 23.89 -18.91 6.74
N ILE A 422 23.19 -18.52 5.66
CA ILE A 422 21.77 -18.80 5.43
C ILE A 422 21.54 -20.32 5.29
N GLN A 423 22.45 -21.03 4.60
CA GLN A 423 22.39 -22.49 4.40
C GLN A 423 22.52 -23.28 5.70
N ASN A 424 23.38 -22.81 6.63
CA ASN A 424 23.59 -23.44 7.95
C ASN A 424 22.33 -23.32 8.82
N PHE A 425 21.63 -22.18 8.72
CA PHE A 425 20.38 -21.88 9.44
C PHE A 425 19.27 -22.82 8.95
N PHE A 426 19.14 -22.98 7.61
CA PHE A 426 18.15 -23.84 6.97
C PHE A 426 18.42 -25.32 7.25
N ARG A 427 19.70 -25.72 7.35
CA ARG A 427 20.10 -27.09 7.63
C ARG A 427 19.85 -27.47 9.10
N LYS A 428 19.77 -26.46 9.99
CA LYS A 428 19.53 -26.63 11.42
C LYS A 428 18.05 -26.81 11.75
N TYR A 429 17.18 -25.92 11.20
CA TYR A 429 15.74 -25.93 11.47
C TYR A 429 14.89 -26.73 10.47
N ALA A 430 15.41 -26.99 9.25
CA ALA A 430 14.69 -27.75 8.22
C ALA A 430 15.62 -28.67 7.39
N PRO A 431 16.11 -29.80 7.97
CA PRO A 431 17.01 -30.67 7.19
C PRO A 431 16.32 -31.79 6.41
N SER A 432 16.97 -32.23 5.31
CA SER A 432 16.52 -33.31 4.43
C SER A 432 17.72 -33.80 3.60
N GLU A 433 18.02 -35.11 3.68
CA GLU A 433 19.14 -35.72 2.97
C GLU A 433 18.96 -35.74 1.44
N ASN A 434 17.73 -35.97 0.98
CA ASN A 434 17.39 -35.99 -0.46
C ASN A 434 17.34 -34.59 -1.08
N GLY A 435 17.08 -33.57 -0.24
CA GLY A 435 17.00 -32.17 -0.66
C GLY A 435 18.33 -31.55 -1.02
N PRO A 436 18.33 -30.34 -1.67
CA PRO A 436 19.61 -29.72 -2.05
C PRO A 436 20.40 -29.14 -0.87
N ASN A 437 21.71 -29.46 -0.82
CA ASN A 437 22.70 -29.04 0.20
C ASN A 437 22.29 -29.42 1.65
N GLY A 438 21.57 -30.54 1.79
CA GLY A 438 21.09 -31.04 3.08
C GLY A 438 19.92 -30.26 3.66
N ILE A 439 19.32 -29.38 2.84
CA ILE A 439 18.18 -28.51 3.19
C ILE A 439 16.91 -29.02 2.50
N SER A 440 15.75 -28.90 3.18
CA SER A 440 14.43 -29.31 2.69
C SER A 440 14.12 -28.69 1.32
N ALA A 441 13.57 -29.51 0.40
CA ALA A 441 13.20 -29.12 -0.96
C ALA A 441 12.10 -28.06 -0.98
N GLU A 442 11.16 -28.12 -0.02
CA GLU A 442 10.04 -27.18 0.13
C GLU A 442 10.55 -25.82 0.61
N VAL A 443 11.50 -25.82 1.57
CA VAL A 443 12.11 -24.62 2.17
C VAL A 443 12.99 -23.88 1.15
N MET A 444 13.82 -24.64 0.39
CA MET A 444 14.71 -24.10 -0.64
C MET A 444 13.92 -23.45 -1.78
N ASP A 445 12.80 -24.08 -2.21
CA ASP A 445 11.89 -23.57 -3.25
C ASP A 445 11.24 -22.26 -2.80
N THR A 446 10.89 -22.17 -1.50
CA THR A 446 10.28 -21.01 -0.85
C THR A 446 11.31 -19.86 -0.81
N TYR A 447 12.59 -20.18 -0.52
CA TYR A 447 13.69 -19.24 -0.44
C TYR A 447 14.05 -18.60 -1.78
N VAL A 448 14.17 -19.43 -2.85
CA VAL A 448 14.50 -19.00 -4.21
C VAL A 448 13.43 -18.04 -4.76
N LYS A 449 12.14 -18.39 -4.55
CA LYS A 449 10.98 -17.60 -5.00
C LYS A 449 10.87 -16.27 -4.25
N SER A 450 11.10 -16.27 -2.92
CA SER A 450 11.04 -15.06 -2.09
C SER A 450 12.20 -14.10 -2.39
N CYS A 451 13.38 -14.65 -2.75
CA CYS A 451 14.56 -13.88 -3.12
C CYS A 451 14.33 -13.22 -4.48
N ALA A 452 13.81 -13.99 -5.46
CA ALA A 452 13.50 -13.52 -6.81
C ALA A 452 12.36 -12.52 -6.81
N GLY A 453 11.33 -12.79 -6.00
CA GLY A 453 10.15 -11.94 -5.85
C GLY A 453 10.46 -10.56 -5.31
N TYR A 454 11.15 -10.50 -4.15
CA TYR A 454 11.53 -9.25 -3.50
C TYR A 454 12.60 -8.47 -4.27
N CYS A 455 13.44 -9.16 -5.06
CA CYS A 455 14.49 -8.54 -5.88
C CYS A 455 13.88 -7.60 -6.92
N VAL A 456 12.78 -8.04 -7.56
CA VAL A 456 12.05 -7.31 -8.60
C VAL A 456 11.24 -6.16 -7.97
N ILE A 457 10.53 -6.43 -6.87
CA ILE A 457 9.68 -5.46 -6.15
C ILE A 457 10.52 -4.29 -5.58
N THR A 458 11.64 -4.58 -4.87
CA THR A 458 12.52 -3.55 -4.30
C THR A 458 13.20 -2.71 -5.40
N TYR A 459 13.41 -3.31 -6.60
CA TYR A 459 13.99 -2.64 -7.76
C TYR A 459 13.00 -1.61 -8.33
N ILE A 460 11.74 -2.05 -8.60
CA ILE A 460 10.65 -1.22 -9.14
C ILE A 460 10.31 -0.07 -8.17
N LEU A 461 10.16 -0.39 -6.88
CA LEU A 461 9.82 0.59 -5.84
C LEU A 461 11.01 1.46 -5.40
N GLY A 462 12.21 1.14 -5.89
CA GLY A 462 13.45 1.85 -5.60
C GLY A 462 13.79 1.94 -4.13
N VAL A 463 13.63 0.82 -3.41
CA VAL A 463 13.86 0.71 -1.97
C VAL A 463 15.35 0.83 -1.61
N GLY A 464 15.70 1.92 -0.94
CA GLY A 464 17.04 2.21 -0.48
C GLY A 464 17.31 1.75 0.94
N ASP A 465 18.52 2.04 1.45
CA ASP A 465 19.02 1.68 2.79
C ASP A 465 18.81 0.18 3.08
N ARG A 466 19.46 -0.66 2.27
CA ARG A 466 19.34 -2.11 2.40
C ARG A 466 20.56 -2.75 3.04
N HIS A 467 20.38 -3.26 4.27
CA HIS A 467 21.39 -3.95 5.05
C HIS A 467 20.85 -5.28 5.58
N LEU A 468 21.69 -6.08 6.28
CA LEU A 468 21.31 -7.40 6.80
C LEU A 468 20.26 -7.36 7.94
N ASP A 469 20.02 -6.18 8.56
CA ASP A 469 19.02 -6.03 9.62
C ASP A 469 17.60 -5.78 9.07
N ASN A 470 17.49 -5.37 7.79
CA ASN A 470 16.22 -5.14 7.08
C ASN A 470 15.79 -6.42 6.38
N LEU A 471 16.76 -7.23 5.96
CA LEU A 471 16.54 -8.51 5.29
C LEU A 471 16.23 -9.55 6.38
N LEU A 472 14.98 -10.03 6.42
CA LEU A 472 14.50 -10.98 7.42
C LEU A 472 14.19 -12.33 6.80
N LEU A 473 14.59 -13.41 7.52
CA LEU A 473 14.42 -14.78 7.08
C LEU A 473 13.62 -15.62 8.07
N THR A 474 12.77 -16.53 7.56
CA THR A 474 11.94 -17.43 8.36
C THR A 474 12.48 -18.88 8.29
N LYS A 475 12.04 -19.73 9.22
CA LYS A 475 12.42 -21.16 9.27
C LYS A 475 11.76 -21.96 8.14
N THR A 476 10.68 -21.41 7.55
CA THR A 476 9.94 -22.01 6.42
C THR A 476 10.60 -21.71 5.07
N GLY A 477 11.48 -20.70 5.04
CA GLY A 477 12.21 -20.31 3.85
C GLY A 477 11.99 -18.88 3.38
N LYS A 478 10.83 -18.28 3.74
CA LYS A 478 10.43 -16.92 3.36
C LYS A 478 11.45 -15.83 3.72
N LEU A 479 11.90 -15.09 2.69
CA LEU A 479 12.84 -13.97 2.81
C LEU A 479 12.04 -12.70 2.48
N PHE A 480 12.08 -11.70 3.38
CA PHE A 480 11.34 -10.46 3.20
C PHE A 480 12.07 -9.22 3.74
N HIS A 481 11.68 -8.04 3.25
CA HIS A 481 12.25 -6.74 3.61
C HIS A 481 11.37 -5.99 4.61
N ILE A 482 12.00 -5.30 5.58
CA ILE A 482 11.31 -4.48 6.59
C ILE A 482 11.92 -3.08 6.66
N ASP A 483 11.24 -2.13 7.35
CA ASP A 483 11.65 -0.73 7.56
C ASP A 483 11.88 -0.01 6.22
N PHE A 484 10.79 0.50 5.62
CA PHE A 484 10.82 1.19 4.34
C PHE A 484 10.91 2.72 4.51
N GLY A 485 12.01 3.15 5.12
CA GLY A 485 12.31 4.55 5.37
C GLY A 485 12.90 5.27 4.17
N TYR A 486 13.47 4.50 3.22
CA TYR A 486 14.07 5.00 2.00
C TYR A 486 13.51 4.24 0.79
N ILE A 487 12.76 4.95 -0.07
CA ILE A 487 12.10 4.43 -1.27
C ILE A 487 12.19 5.40 -2.46
N LEU A 488 11.94 4.89 -3.69
CA LEU A 488 11.93 5.61 -4.97
C LEU A 488 13.28 6.29 -5.30
N GLY A 489 14.36 5.52 -5.20
CA GLY A 489 15.71 5.98 -5.49
C GLY A 489 16.47 6.59 -4.34
N ARG A 490 15.76 7.06 -3.30
CA ARG A 490 16.34 7.69 -2.10
C ARG A 490 17.14 6.66 -1.29
N ASP A 491 18.36 7.05 -0.87
CA ASP A 491 19.29 6.22 -0.10
C ASP A 491 20.28 7.11 0.67
N PRO A 492 20.63 6.79 1.95
CA PRO A 492 21.60 7.64 2.68
C PRO A 492 23.00 7.67 2.06
N LYS A 493 23.43 6.55 1.45
CA LYS A 493 24.73 6.43 0.77
C LYS A 493 24.64 7.02 -0.65
N PRO A 494 25.65 7.78 -1.12
CA PRO A 494 25.58 8.32 -2.49
C PRO A 494 25.85 7.25 -3.55
N LEU A 495 25.16 7.37 -4.71
CA LEU A 495 25.23 6.45 -5.86
C LEU A 495 24.85 4.99 -5.47
N PRO A 496 23.55 4.71 -5.21
CA PRO A 496 23.18 3.34 -4.80
C PRO A 496 22.93 2.36 -5.96
N PRO A 497 23.14 1.03 -5.77
CA PRO A 497 22.86 0.09 -6.87
C PRO A 497 21.36 -0.06 -7.16
N PRO A 498 20.93 -0.26 -8.44
CA PRO A 498 19.48 -0.38 -8.72
C PRO A 498 18.86 -1.66 -8.19
N MET A 499 19.57 -2.80 -8.34
CA MET A 499 19.13 -4.10 -7.84
C MET A 499 19.79 -4.34 -6.48
N LYS A 500 18.97 -4.49 -5.42
CA LYS A 500 19.44 -4.68 -4.06
C LYS A 500 19.73 -6.15 -3.73
N LEU A 501 20.70 -6.73 -4.45
CA LEU A 501 21.15 -8.11 -4.26
C LEU A 501 22.33 -8.09 -3.28
N ASN A 502 22.52 -9.18 -2.52
CA ASN A 502 23.61 -9.27 -1.54
C ASN A 502 24.32 -10.64 -1.62
N LYS A 503 25.63 -10.66 -1.32
CA LYS A 503 26.51 -11.83 -1.34
C LYS A 503 25.97 -13.04 -0.55
N GLU A 504 25.37 -12.78 0.62
CA GLU A 504 24.79 -13.79 1.51
C GLU A 504 23.56 -14.48 0.91
N MET A 505 22.75 -13.74 0.11
CA MET A 505 21.56 -14.25 -0.58
C MET A 505 21.95 -15.27 -1.64
N VAL A 506 23.05 -15.00 -2.37
CA VAL A 506 23.59 -15.86 -3.43
C VAL A 506 24.19 -17.14 -2.81
N GLU A 507 24.89 -16.99 -1.66
CA GLU A 507 25.51 -18.10 -0.91
C GLU A 507 24.45 -19.07 -0.37
N GLY A 508 23.31 -18.54 0.03
CA GLY A 508 22.17 -19.30 0.55
C GLY A 508 21.48 -20.15 -0.49
N MET A 509 21.63 -19.79 -1.79
CA MET A 509 21.05 -20.51 -2.93
C MET A 509 21.95 -21.66 -3.40
N GLY A 510 23.19 -21.69 -2.90
CA GLY A 510 24.18 -22.70 -3.23
C GLY A 510 25.15 -22.30 -4.33
N GLY A 511 25.41 -21.00 -4.43
CA GLY A 511 26.32 -20.44 -5.42
C GLY A 511 25.65 -20.01 -6.71
N THR A 512 26.47 -19.53 -7.67
CA THR A 512 26.03 -19.06 -8.99
C THR A 512 25.86 -20.18 -10.02
N GLN A 513 26.43 -21.38 -9.74
CA GLN A 513 26.37 -22.52 -10.67
C GLN A 513 25.27 -23.54 -10.33
N SER A 514 24.58 -23.36 -9.18
CA SER A 514 23.50 -24.23 -8.72
C SER A 514 22.25 -24.08 -9.58
N GLU A 515 21.40 -25.14 -9.64
CA GLU A 515 20.13 -25.12 -10.39
C GLU A 515 19.09 -24.21 -9.71
N GLN A 516 19.33 -23.85 -8.44
CA GLN A 516 18.50 -22.96 -7.63
C GLN A 516 18.69 -21.51 -8.11
N TYR A 517 19.94 -21.15 -8.49
CA TYR A 517 20.28 -19.82 -9.00
C TYR A 517 19.73 -19.63 -10.42
N GLN A 518 19.63 -20.75 -11.19
CA GLN A 518 19.06 -20.76 -12.55
C GLN A 518 17.55 -20.53 -12.44
N GLU A 519 16.93 -21.05 -11.36
CA GLU A 519 15.52 -20.89 -11.04
C GLU A 519 15.26 -19.46 -10.57
N PHE A 520 16.22 -18.87 -9.83
CA PHE A 520 16.17 -17.48 -9.33
C PHE A 520 16.08 -16.51 -10.50
N ARG A 521 16.96 -16.68 -11.52
CA ARG A 521 17.00 -15.88 -12.74
C ARG A 521 15.69 -16.03 -13.51
N LYS A 522 15.17 -17.27 -13.60
CA LYS A 522 13.93 -17.62 -14.29
C LYS A 522 12.73 -16.92 -13.64
N GLN A 523 12.59 -17.04 -12.30
CA GLN A 523 11.51 -16.41 -11.53
C GLN A 523 11.63 -14.87 -11.48
N CYS A 524 12.84 -14.32 -11.70
CA CYS A 524 13.09 -12.88 -11.72
C CYS A 524 12.48 -12.20 -12.95
N TYR A 525 12.77 -12.72 -14.17
CA TYR A 525 12.21 -12.13 -15.40
C TYR A 525 10.73 -12.43 -15.54
N THR A 526 10.25 -13.58 -14.99
CA THR A 526 8.83 -13.98 -15.03
C THR A 526 8.03 -12.99 -14.17
N ALA A 527 8.53 -12.66 -12.95
CA ALA A 527 7.90 -11.70 -12.05
C ALA A 527 7.88 -10.31 -12.68
N PHE A 528 8.98 -9.94 -13.37
CA PHE A 528 9.12 -8.66 -14.07
C PHE A 528 8.11 -8.54 -15.22
N LEU A 529 7.90 -9.62 -15.99
CA LEU A 529 6.96 -9.67 -17.11
C LEU A 529 5.50 -9.53 -16.67
N HIS A 530 5.13 -10.20 -15.56
CA HIS A 530 3.77 -10.16 -15.01
C HIS A 530 3.43 -8.80 -14.42
N LEU A 531 4.40 -8.15 -13.74
CA LEU A 531 4.23 -6.83 -13.14
C LEU A 531 4.16 -5.71 -14.18
N ARG A 532 4.85 -5.90 -15.34
CA ARG A 532 4.84 -4.96 -16.46
C ARG A 532 3.47 -4.92 -17.14
N ARG A 533 2.73 -6.05 -17.10
CA ARG A 533 1.38 -6.16 -17.66
C ARG A 533 0.37 -5.33 -16.86
N TYR A 534 0.63 -5.15 -15.54
CA TYR A 534 -0.19 -4.36 -14.64
C TYR A 534 0.49 -3.03 -14.26
N SER A 535 1.34 -2.49 -15.18
CA SER A 535 2.06 -1.24 -14.99
C SER A 535 1.11 -0.05 -14.87
N ASN A 536 0.05 -0.03 -15.70
CA ASN A 536 -0.99 1.02 -15.70
C ASN A 536 -1.71 1.10 -14.36
N LEU A 537 -1.94 -0.05 -13.70
CA LEU A 537 -2.59 -0.14 -12.39
C LEU A 537 -1.69 0.43 -11.28
N ILE A 538 -0.41 -0.01 -11.24
CA ILE A 538 0.59 0.40 -10.26
C ILE A 538 0.90 1.92 -10.35
N LEU A 539 1.07 2.44 -11.59
CA LEU A 539 1.37 3.85 -11.84
C LEU A 539 0.22 4.80 -11.51
N ASN A 540 -1.03 4.40 -11.81
CA ASN A 540 -2.23 5.21 -11.53
C ASN A 540 -2.50 5.33 -10.03
N LEU A 541 -2.12 4.31 -9.24
CA LEU A 541 -2.25 4.33 -7.78
C LEU A 541 -1.21 5.28 -7.19
N PHE A 542 0.02 5.27 -7.76
CA PHE A 542 1.12 6.16 -7.37
C PHE A 542 0.79 7.62 -7.74
N SER A 543 0.02 7.80 -8.84
CA SER A 543 -0.46 9.09 -9.33
C SER A 543 -1.45 9.70 -8.33
N LEU A 544 -2.24 8.83 -7.64
CA LEU A 544 -3.22 9.21 -6.63
C LEU A 544 -2.57 9.49 -5.27
N MET A 545 -1.24 9.28 -5.16
CA MET A 545 -0.47 9.46 -3.94
C MET A 545 0.51 10.66 -3.96
N VAL A 546 0.43 11.51 -5.01
CA VAL A 546 1.30 12.68 -5.19
C VAL A 546 1.07 13.76 -4.11
N ASP A 547 -0.19 13.95 -3.67
CA ASP A 547 -0.55 14.94 -2.66
C ASP A 547 -0.60 14.36 -1.23
N ALA A 548 -0.26 13.05 -1.09
CA ALA A 548 -0.19 12.38 0.21
C ALA A 548 1.09 12.82 0.89
N ASN A 549 1.04 13.05 2.22
CA ASN A 549 2.21 13.51 2.96
C ASN A 549 3.20 12.38 3.29
N ILE A 550 3.72 11.75 2.21
CA ILE A 550 4.72 10.69 2.25
C ILE A 550 6.07 11.40 2.08
N PRO A 551 7.03 11.24 3.04
CA PRO A 551 8.31 11.96 2.93
C PRO A 551 9.08 11.80 1.62
N ASP A 552 9.10 10.58 1.05
CA ASP A 552 9.82 10.30 -0.19
C ASP A 552 9.03 10.65 -1.46
N ILE A 553 7.72 10.94 -1.34
CA ILE A 553 6.89 11.38 -2.47
C ILE A 553 6.87 12.91 -2.48
N ALA A 554 6.68 13.56 -1.31
CA ALA A 554 6.66 15.02 -1.14
C ALA A 554 8.00 15.69 -1.54
N LEU A 555 9.08 14.90 -1.60
CA LEU A 555 10.44 15.31 -1.99
C LEU A 555 10.44 15.72 -3.48
N GLU A 556 9.89 14.87 -4.37
CA GLU A 556 9.76 15.08 -5.82
C GLU A 556 8.40 14.53 -6.28
N PRO A 557 7.28 15.27 -6.07
CA PRO A 557 5.94 14.73 -6.42
C PRO A 557 5.69 14.51 -7.92
N ASP A 558 6.19 15.41 -8.77
CA ASP A 558 6.05 15.34 -10.23
C ASP A 558 6.87 14.20 -10.84
N LYS A 559 8.00 13.84 -10.19
CA LYS A 559 8.93 12.80 -10.64
C LYS A 559 8.57 11.39 -10.14
N THR A 560 7.70 11.28 -9.11
CA THR A 560 7.24 10.03 -8.46
C THR A 560 6.83 8.94 -9.46
N VAL A 561 5.86 9.25 -10.36
CA VAL A 561 5.32 8.33 -11.37
C VAL A 561 6.42 7.93 -12.37
N LYS A 562 7.24 8.91 -12.81
CA LYS A 562 8.35 8.71 -13.74
C LYS A 562 9.43 7.77 -13.18
N LYS A 563 9.70 7.86 -11.85
CA LYS A 563 10.68 7.02 -11.14
C LYS A 563 10.29 5.54 -11.20
N VAL A 564 9.00 5.22 -10.99
CA VAL A 564 8.45 3.87 -11.02
C VAL A 564 8.38 3.36 -12.46
N GLN A 565 7.89 4.21 -13.40
CA GLN A 565 7.73 3.92 -14.83
C GLN A 565 9.03 3.53 -15.52
N ASP A 566 10.15 4.24 -15.20
CA ASP A 566 11.48 3.99 -15.76
C ASP A 566 12.00 2.59 -15.41
N LYS A 567 11.64 2.08 -14.22
CA LYS A 567 12.03 0.76 -13.73
C LYS A 567 11.36 -0.36 -14.53
N PHE A 568 10.08 -0.17 -14.92
CA PHE A 568 9.30 -1.12 -15.72
C PHE A 568 9.87 -1.33 -17.13
N ARG A 569 10.55 -0.29 -17.68
CA ARG A 569 11.15 -0.26 -19.02
C ARG A 569 10.11 -0.59 -20.11
N LEU A 570 9.10 0.27 -20.23
CA LEU A 570 8.00 0.13 -21.20
C LEU A 570 8.45 0.37 -22.64
N ASP A 571 9.63 1.00 -22.83
CA ASP A 571 10.24 1.27 -24.14
C ASP A 571 10.73 -0.02 -24.81
N LEU A 572 11.06 -1.03 -23.99
CA LEU A 572 11.53 -2.34 -24.44
C LEU A 572 10.37 -3.33 -24.56
N SER A 573 10.52 -4.36 -25.42
CA SER A 573 9.50 -5.39 -25.59
C SER A 573 9.68 -6.46 -24.49
N ASP A 574 8.72 -7.40 -24.36
CA ASP A 574 8.76 -8.46 -23.37
C ASP A 574 10.04 -9.30 -23.41
N GLU A 575 10.47 -9.71 -24.64
CA GLU A 575 11.70 -10.49 -24.85
C GLU A 575 12.94 -9.67 -24.49
N GLU A 576 12.92 -8.35 -24.78
CA GLU A 576 14.01 -7.42 -24.48
C GLU A 576 14.11 -7.18 -22.97
N ALA A 577 12.95 -7.07 -22.28
CA ALA A 577 12.84 -6.87 -20.83
C ALA A 577 13.44 -8.02 -20.04
N VAL A 578 13.37 -9.26 -20.60
CA VAL A 578 13.93 -10.49 -20.02
C VAL A 578 15.46 -10.35 -19.98
N HIS A 579 16.08 -10.02 -21.14
CA HIS A 579 17.52 -9.83 -21.26
C HIS A 579 18.05 -8.62 -20.49
N TYR A 580 17.21 -7.59 -20.30
CA TYR A 580 17.57 -6.41 -19.51
C TYR A 580 17.60 -6.78 -18.01
N MET A 581 16.65 -7.64 -17.58
CA MET A 581 16.56 -8.15 -16.21
C MET A 581 17.77 -9.05 -15.94
N GLN A 582 18.15 -9.89 -16.93
CA GLN A 582 19.30 -10.79 -16.87
C GLN A 582 20.61 -9.98 -16.77
N SER A 583 20.64 -8.81 -17.43
CA SER A 583 21.78 -7.87 -17.41
C SER A 583 21.91 -7.20 -16.04
N LEU A 584 20.76 -6.92 -15.37
CA LEU A 584 20.71 -6.32 -14.03
C LEU A 584 21.28 -7.27 -12.98
N ILE A 585 20.93 -8.58 -13.09
CA ILE A 585 21.40 -9.65 -12.20
C ILE A 585 22.91 -9.85 -12.40
N ASP A 586 23.35 -9.98 -13.68
CA ASP A 586 24.75 -10.16 -14.07
C ASP A 586 25.66 -9.04 -13.58
N GLU A 587 25.18 -7.78 -13.65
CA GLU A 587 25.93 -6.61 -13.20
C GLU A 587 26.05 -6.58 -11.67
N SER A 588 24.92 -6.78 -10.97
CA SER A 588 24.85 -6.79 -9.50
C SER A 588 25.72 -7.86 -8.87
N VAL A 589 25.65 -9.10 -9.39
CA VAL A 589 26.43 -10.25 -8.93
C VAL A 589 27.93 -9.98 -9.12
N HIS A 590 28.33 -9.47 -10.30
CA HIS A 590 29.72 -9.12 -10.61
C HIS A 590 30.26 -8.02 -9.69
N ALA A 591 29.43 -7.01 -9.39
CA ALA A 591 29.78 -5.89 -8.51
C ALA A 591 29.85 -6.30 -7.03
N LEU A 592 29.04 -7.30 -6.61
CA LEU A 592 28.99 -7.82 -5.23
C LEU A 592 30.28 -8.50 -4.79
N PHE A 593 30.76 -9.48 -5.58
CA PHE A 593 31.98 -10.22 -5.29
C PHE A 593 33.23 -9.35 -5.41
N ALA A 594 33.18 -8.31 -6.27
CA ALA A 594 34.26 -7.35 -6.50
C ALA A 594 34.16 -6.16 -5.51
N ALA A 595 33.82 -6.44 -4.23
CA ALA A 595 33.68 -5.44 -3.18
C ALA A 595 35.03 -4.88 -2.75
#